data_5MFX
#
_entry.id   5MFX
#
_cell.length_a   52.355
_cell.length_b   73.037
_cell.length_c   58.696
_cell.angle_alpha   90.000
_cell.angle_beta   93.970
_cell.angle_gamma   90.000
#
_symmetry.space_group_name_H-M   'P 1 21 1'
#
loop_
_entity.id
_entity.type
_entity.pdbx_description
1 polymer 'Genome polyprotein'
2 polymer "RNA (5'-R(P*AP*GP*AP*CP*U)-3')"
3 non-polymer 'ACETATE ION'
4 non-polymer 'CITRATE ANION'
5 water water
#
loop_
_entity_poly.entity_id
_entity_poly.type
_entity_poly.pdbx_seq_one_letter_code
_entity_poly.pdbx_strand_id
1 'polypeptide(L)'
;MGSSHHHHHHMLKKKQLTVLDLHPGAGKTRRVLPEIVREAIKTRLRTVILAPTRVVAAEMEEALRGLPVRYMTTAVNVTH
SGTEIVDLMCHATFTSRLLQPIRVPNYNLYIMDEAHFTDPSSIAARGYISTRVEMGEAAAIFMTATPPGTRDAFPDSNSP
IMDTEVEVPERAWSSGFDWVTDYSGKTVWFVPSVRNGNEIAACLTKAGKRVIQLSRKTFETEFQKTKHQEWDFVVTTDIS
EMGANFKADRVIDSRRCLKPVILDGERVILAGPMPVTHASAAQRRGRIGRNPNKPGDEYLYGGGCAETDEDHAHWLEARM
LLDNIYLQDGLIASLYRPEADKVAAIEGEFKLRTEQRKTFVELMKRGDLPVWLAYQVASAGITYTDRRWCFDGTTNNTIM
EDSVPAEVWTRHGEKRVLKPRWMDARVCSDHAALKSFKEFAAGKRGAAFGV
;
A
2 'polyribonucleotide' AGACUCCAU B
#
loop_
_chem_comp.id
_chem_comp.type
_chem_comp.name
_chem_comp.formula
A RNA linking ADENOSINE-5'-MONOPHOSPHATE 'C10 H14 N5 O7 P'
ACT non-polymer 'ACETATE ION' 'C2 H3 O2 -1'
C RNA linking CYTIDINE-5'-MONOPHOSPHATE 'C9 H14 N3 O8 P'
FLC non-polymer 'CITRATE ANION' 'C6 H5 O7 -3'
G RNA linking GUANOSINE-5'-MONOPHOSPHATE 'C10 H14 N5 O8 P'
U RNA linking URIDINE-5'-MONOPHOSPHATE 'C9 H13 N2 O9 P'
#
# COMPACT_ATOMS: atom_id res chain seq x y z
N MET A 11 -5.47 -10.13 27.62
CA MET A 11 -5.49 -8.81 28.29
C MET A 11 -5.85 -7.68 27.30
N LEU A 12 -6.96 -7.84 26.59
CA LEU A 12 -7.43 -6.83 25.60
C LEU A 12 -7.93 -5.50 26.18
N LYS A 13 -8.34 -5.52 27.44
CA LYS A 13 -8.75 -4.30 28.13
C LYS A 13 -7.52 -3.48 28.54
N LYS A 14 -6.32 -4.08 28.61
CA LYS A 14 -5.16 -3.29 29.02
C LYS A 14 -4.87 -2.29 27.90
N LYS A 15 -4.62 -1.05 28.31
CA LYS A 15 -4.36 0.08 27.42
C LYS A 15 -2.90 0.04 26.98
N GLN A 16 -2.57 -0.90 26.09
CA GLN A 16 -1.23 -1.07 25.57
C GLN A 16 -1.26 -1.53 24.11
N LEU A 17 -0.11 -1.45 23.47
CA LEU A 17 0.06 -1.91 22.08
C LEU A 17 0.83 -3.22 22.07
N THR A 18 0.24 -4.22 21.46
CA THR A 18 0.86 -5.54 21.29
C THR A 18 1.20 -5.69 19.83
N VAL A 19 2.46 -5.99 19.55
CA VAL A 19 2.88 -6.32 18.17
C VAL A 19 2.97 -7.81 18.08
N LEU A 20 2.19 -8.41 17.19
CA LEU A 20 2.23 -9.84 16.93
C LEU A 20 3.04 -10.06 15.65
N ASP A 21 4.26 -10.51 15.83
CA ASP A 21 5.15 -10.83 14.74
C ASP A 21 4.73 -12.23 14.29
N LEU A 22 3.96 -12.29 13.21
CA LEU A 22 3.37 -13.51 12.74
C LEU A 22 3.92 -13.76 11.36
N HIS A 23 4.73 -14.83 11.24
CA HIS A 23 5.41 -15.08 9.99
C HIS A 23 4.48 -15.44 8.85
N PRO A 24 4.94 -15.28 7.61
CA PRO A 24 4.02 -15.62 6.52
C PRO A 24 3.56 -17.09 6.64
N GLY A 25 2.26 -17.37 6.45
CA GLY A 25 1.73 -18.72 6.56
C GLY A 25 1.36 -19.16 7.97
N ALA A 26 1.51 -18.29 8.94
CA ALA A 26 1.25 -18.66 10.33
C ALA A 26 -0.24 -18.51 10.71
N GLY A 27 -1.08 -18.05 9.80
CA GLY A 27 -2.54 -17.98 10.06
C GLY A 27 -3.03 -16.70 10.74
N LYS A 28 -2.35 -15.60 10.45
CA LYS A 28 -2.72 -14.24 10.92
C LYS A 28 -4.23 -13.97 10.74
N THR A 29 -4.73 -14.22 9.55
CA THR A 29 -6.13 -13.95 9.22
C THR A 29 -7.03 -15.15 9.53
N ARG A 30 -6.60 -16.37 9.19
CA ARG A 30 -7.47 -17.54 9.29
C ARG A 30 -7.63 -18.02 10.73
N ARG A 31 -6.63 -17.80 11.58
CA ARG A 31 -6.61 -18.34 12.94
C ARG A 31 -6.54 -17.30 14.01
N VAL A 32 -5.60 -16.37 13.90
CA VAL A 32 -5.36 -15.41 15.01
C VAL A 32 -6.44 -14.34 15.08
N LEU A 33 -6.77 -13.75 13.95
CA LEU A 33 -7.77 -12.71 13.92
C LEU A 33 -9.15 -13.13 14.49
N PRO A 34 -9.71 -14.28 14.08
CA PRO A 34 -10.98 -14.69 14.69
C PRO A 34 -10.88 -14.92 16.19
N GLU A 35 -9.74 -15.42 16.65
CA GLU A 35 -9.56 -15.64 18.08
C GLU A 35 -9.60 -14.29 18.85
N ILE A 36 -8.94 -13.28 18.30
CA ILE A 36 -8.97 -11.93 18.89
C ILE A 36 -10.38 -11.35 18.89
N VAL A 37 -11.07 -11.47 17.75
CA VAL A 37 -12.39 -10.87 17.56
C VAL A 37 -13.42 -11.54 18.50
N ARG A 38 -13.37 -12.85 18.60
CA ARG A 38 -14.26 -13.55 19.57
C ARG A 38 -14.08 -13.04 20.98
N GLU A 39 -12.83 -12.88 21.40
CA GLU A 39 -12.54 -12.40 22.73
C GLU A 39 -13.01 -10.97 22.93
N ALA A 40 -12.86 -10.14 21.89
CA ALA A 40 -13.28 -8.75 21.99
C ALA A 40 -14.79 -8.64 22.16
N ILE A 41 -15.51 -9.43 21.38
CA ILE A 41 -16.96 -9.52 21.46
C ILE A 41 -17.41 -9.96 22.84
N LYS A 42 -16.78 -11.00 23.37
CA LYS A 42 -17.14 -11.50 24.73
C LYS A 42 -16.89 -10.51 25.85
N THR A 43 -15.86 -9.69 25.71
CA THR A 43 -15.49 -8.72 26.72
C THR A 43 -16.12 -7.34 26.42
N ARG A 44 -17.00 -7.30 25.41
CA ARG A 44 -17.83 -6.16 25.02
C ARG A 44 -16.98 -4.93 24.69
N LEU A 45 -15.92 -5.16 23.89
CA LEU A 45 -15.04 -4.05 23.54
C LEU A 45 -15.40 -3.60 22.16
N ARG A 46 -15.61 -2.30 22.01
CA ARG A 46 -15.86 -1.72 20.68
C ARG A 46 -14.52 -1.78 19.92
N THR A 47 -14.56 -2.39 18.74
CA THR A 47 -13.34 -2.81 18.07
C THR A 47 -13.41 -2.43 16.62
N VAL A 48 -12.26 -1.99 16.08
CA VAL A 48 -12.16 -1.79 14.63
C VAL A 48 -11.00 -2.67 14.10
N ILE A 49 -11.28 -3.36 13.01
CA ILE A 49 -10.34 -4.22 12.34
C ILE A 49 -9.94 -3.45 11.08
N LEU A 50 -8.64 -3.27 10.89
CA LEU A 50 -8.10 -2.48 9.75
C LEU A 50 -7.38 -3.39 8.77
N ALA A 51 -8.01 -3.54 7.61
CA ALA A 51 -7.45 -4.36 6.50
C ALA A 51 -6.67 -3.45 5.58
N PRO A 52 -5.51 -3.90 5.08
CA PRO A 52 -4.76 -2.99 4.22
C PRO A 52 -5.41 -2.70 2.87
N THR A 53 -6.16 -3.66 2.35
CA THR A 53 -6.75 -3.57 1.01
C THR A 53 -8.10 -4.24 1.02
N ARG A 54 -8.89 -3.91 0.02
CA ARG A 54 -10.18 -4.55 -0.23
C ARG A 54 -10.05 -6.06 -0.36
N VAL A 55 -9.01 -6.50 -1.08
CA VAL A 55 -8.80 -7.93 -1.27
C VAL A 55 -8.60 -8.64 0.07
N VAL A 56 -7.81 -8.04 0.98
CA VAL A 56 -7.61 -8.62 2.26
C VAL A 56 -8.90 -8.50 3.08
N ALA A 57 -9.65 -7.41 2.96
CA ALA A 57 -10.95 -7.29 3.70
C ALA A 57 -11.89 -8.45 3.35
N ALA A 58 -11.97 -8.78 2.07
CA ALA A 58 -12.80 -9.92 1.63
C ALA A 58 -12.31 -11.29 2.19
N GLU A 59 -10.99 -11.46 2.28
CA GLU A 59 -10.41 -12.64 2.92
C GLU A 59 -10.74 -12.70 4.40
N MET A 60 -10.74 -11.55 5.06
CA MET A 60 -11.10 -11.50 6.47
C MET A 60 -12.54 -11.89 6.70
N GLU A 61 -13.44 -11.50 5.81
CA GLU A 61 -14.82 -11.91 5.98
C GLU A 61 -14.95 -13.43 5.94
N GLU A 62 -14.22 -14.12 5.07
CA GLU A 62 -14.27 -15.59 5.06
C GLU A 62 -13.85 -16.19 6.41
N ALA A 63 -12.79 -15.65 7.01
CA ALA A 63 -12.32 -16.10 8.30
C ALA A 63 -13.25 -15.72 9.44
N LEU A 64 -14.00 -14.61 9.32
CA LEU A 64 -14.87 -14.11 10.41
C LEU A 64 -16.35 -14.48 10.22
N ARG A 65 -16.61 -15.35 9.26
CA ARG A 65 -17.99 -15.64 8.86
C ARG A 65 -18.78 -16.16 10.05
N GLY A 66 -19.96 -15.60 10.25
CA GLY A 66 -20.78 -15.95 11.38
C GLY A 66 -20.60 -14.99 12.54
N LEU A 67 -19.34 -14.58 12.86
CA LEU A 67 -19.12 -13.59 13.94
C LEU A 67 -19.72 -12.25 13.53
N PRO A 68 -20.34 -11.51 14.47
CA PRO A 68 -21.00 -10.26 14.15
C PRO A 68 -20.02 -9.08 13.93
N VAL A 69 -19.77 -8.79 12.66
CA VAL A 69 -18.86 -7.74 12.20
C VAL A 69 -19.62 -6.84 11.23
N ARG A 70 -19.52 -5.53 11.43
CA ARG A 70 -20.06 -4.54 10.52
C ARG A 70 -18.95 -4.24 9.52
N TYR A 71 -19.15 -4.63 8.26
CA TYR A 71 -18.21 -4.37 7.20
C TYR A 71 -18.44 -3.01 6.59
N MET A 72 -17.48 -2.12 6.77
CA MET A 72 -17.55 -0.74 6.26
C MET A 72 -16.65 -0.61 5.00
N THR A 73 -16.95 -1.49 4.07
CA THR A 73 -16.29 -1.56 2.77
C THR A 73 -17.27 -2.24 1.81
N THR A 74 -17.39 -1.73 0.59
CA THR A 74 -18.18 -2.42 -0.43
C THR A 74 -17.49 -3.69 -0.95
N ALA A 75 -16.27 -4.00 -0.48
CA ALA A 75 -15.61 -5.28 -0.83
C ALA A 75 -16.34 -6.50 -0.25
N VAL A 76 -17.19 -6.28 0.73
CA VAL A 76 -17.99 -7.33 1.38
C VAL A 76 -19.46 -6.91 1.33
N ASN A 77 -20.36 -7.86 1.07
CA ASN A 77 -21.81 -7.58 1.20
C ASN A 77 -22.47 -8.74 1.91
N VAL A 78 -22.66 -8.54 3.21
CA VAL A 78 -23.35 -9.46 4.08
C VAL A 78 -24.41 -8.67 4.84
N THR A 79 -25.38 -9.40 5.38
CA THR A 79 -26.44 -8.79 6.12
C THR A 79 -25.98 -8.43 7.50
N HIS A 80 -26.09 -7.16 7.89
CA HIS A 80 -25.75 -6.72 9.26
C HIS A 80 -26.98 -6.81 10.15
N SER A 81 -26.77 -7.09 11.43
CA SER A 81 -27.85 -7.15 12.43
C SER A 81 -28.17 -5.75 12.96
N GLY A 82 -27.20 -4.85 12.93
CA GLY A 82 -27.31 -3.54 13.54
C GLY A 82 -26.85 -3.52 14.99
N THR A 83 -26.52 -4.67 15.55
CA THR A 83 -26.08 -4.73 16.95
C THR A 83 -24.58 -5.00 17.03
N GLU A 84 -23.90 -4.98 15.90
CA GLU A 84 -22.47 -5.28 15.92
C GLU A 84 -21.67 -4.21 16.68
N ILE A 85 -20.65 -4.63 17.43
CA ILE A 85 -19.72 -3.71 18.09
C ILE A 85 -18.32 -3.83 17.48
N VAL A 86 -18.18 -4.65 16.45
CA VAL A 86 -16.88 -4.79 15.74
C VAL A 86 -17.10 -4.25 14.34
N ASP A 87 -16.31 -3.26 13.96
CA ASP A 87 -16.31 -2.68 12.62
C ASP A 87 -15.07 -3.13 11.85
N LEU A 88 -15.18 -3.25 10.53
CA LEU A 88 -14.00 -3.59 9.69
C LEU A 88 -13.96 -2.61 8.52
N MET A 89 -12.78 -2.04 8.28
CA MET A 89 -12.59 -1.10 7.16
C MET A 89 -11.14 -1.13 6.73
N CYS A 90 -10.87 -0.54 5.58
CA CYS A 90 -9.50 -0.50 5.08
C CYS A 90 -8.69 0.56 5.78
N HIS A 91 -7.37 0.39 5.79
CA HIS A 91 -6.50 1.36 6.45
C HIS A 91 -6.79 2.77 5.97
N ALA A 92 -6.91 2.95 4.65
CA ALA A 92 -7.10 4.30 4.10
C ALA A 92 -8.46 4.88 4.41
N THR A 93 -9.49 4.01 4.52
CA THR A 93 -10.82 4.48 4.92
C THR A 93 -10.81 5.08 6.30
N PHE A 94 -10.07 4.42 7.18
CA PHE A 94 -9.96 4.84 8.58
C PHE A 94 -9.33 6.26 8.62
N THR A 95 -8.20 6.41 7.94
CA THR A 95 -7.51 7.70 7.92
C THR A 95 -8.32 8.78 7.28
N SER A 96 -9.01 8.44 6.18
CA SER A 96 -9.92 9.38 5.52
C SER A 96 -11.04 9.85 6.44
N ARG A 97 -11.64 8.92 7.13
CA ARG A 97 -12.69 9.27 8.10
C ARG A 97 -12.14 10.19 9.22
N LEU A 98 -10.91 9.95 9.66
CA LEU A 98 -10.30 10.82 10.68
C LEU A 98 -10.11 12.25 10.18
N LEU A 99 -9.94 12.45 8.88
CA LEU A 99 -9.78 13.79 8.32
C LEU A 99 -11.09 14.55 8.12
N GLN A 100 -12.24 13.86 8.17
CA GLN A 100 -13.57 14.50 8.02
C GLN A 100 -14.11 15.00 9.36
N PRO A 101 -14.95 16.06 9.37
CA PRO A 101 -15.59 16.53 10.63
C PRO A 101 -16.75 15.59 11.06
N ILE A 102 -16.43 14.32 11.26
CA ILE A 102 -17.39 13.24 11.47
C ILE A 102 -17.22 12.73 12.88
N ARG A 103 -18.16 11.90 13.34
CA ARG A 103 -18.06 11.30 14.67
C ARG A 103 -17.05 10.17 14.63
N VAL A 104 -15.83 10.44 15.11
CA VAL A 104 -14.81 9.40 15.19
C VAL A 104 -15.21 8.47 16.33
N PRO A 105 -15.66 7.23 16.02
CA PRO A 105 -16.13 6.39 17.13
C PRO A 105 -15.00 6.10 18.12
N ASN A 106 -15.40 5.86 19.36
CA ASN A 106 -14.44 5.75 20.43
C ASN A 106 -14.07 4.28 20.63
N TYR A 107 -13.29 3.71 19.70
CA TYR A 107 -12.94 2.30 19.77
C TYR A 107 -12.06 2.05 20.97
N ASN A 108 -12.35 0.96 21.65
CA ASN A 108 -11.57 0.49 22.78
C ASN A 108 -10.35 -0.31 22.30
N LEU A 109 -10.46 -0.91 21.11
CA LEU A 109 -9.45 -1.82 20.59
C LEU A 109 -9.30 -1.58 19.09
N TYR A 110 -8.06 -1.39 18.66
CA TYR A 110 -7.72 -1.22 17.24
C TYR A 110 -6.89 -2.42 16.82
N ILE A 111 -7.33 -3.14 15.79
CA ILE A 111 -6.54 -4.25 15.25
C ILE A 111 -6.10 -3.93 13.83
N MET A 112 -4.78 -3.82 13.63
CA MET A 112 -4.27 -3.53 12.28
C MET A 112 -3.56 -4.74 11.71
N ASP A 113 -4.10 -5.27 10.61
CA ASP A 113 -3.43 -6.32 9.87
C ASP A 113 -2.47 -5.70 8.87
N GLU A 114 -1.38 -6.40 8.61
CA GLU A 114 -0.29 -5.93 7.75
C GLU A 114 0.20 -4.52 8.15
N ALA A 115 0.61 -4.46 9.41
CA ALA A 115 1.02 -3.24 10.04
C ALA A 115 2.42 -2.78 9.64
N HIS A 116 3.03 -3.45 8.67
CA HIS A 116 4.24 -2.95 7.98
C HIS A 116 3.92 -2.03 6.77
N PHE A 117 2.68 -1.97 6.34
CA PHE A 117 2.33 -1.35 5.06
C PHE A 117 2.72 0.12 5.06
N THR A 118 3.49 0.54 4.05
CA THR A 118 4.01 1.91 4.00
C THR A 118 3.20 2.85 3.08
N ASP A 119 1.95 2.52 2.80
CA ASP A 119 1.07 3.51 2.23
C ASP A 119 0.97 4.69 3.26
N PRO A 120 0.93 5.95 2.80
CA PRO A 120 0.94 7.06 3.77
C PRO A 120 -0.26 7.04 4.70
N SER A 121 -1.41 6.58 4.23
CA SER A 121 -2.59 6.48 5.12
CA SER A 121 -2.59 6.48 5.12
C SER A 121 -2.39 5.42 6.21
N SER A 122 -1.68 4.34 5.87
N SER A 122 -1.68 4.34 5.89
CA SER A 122 -1.39 3.27 6.81
CA SER A 122 -1.39 3.28 6.86
C SER A 122 -0.42 3.75 7.91
C SER A 122 -0.40 3.75 7.92
N ILE A 123 0.65 4.43 7.49
CA ILE A 123 1.64 5.01 8.40
C ILE A 123 0.93 6.03 9.32
N ALA A 124 0.07 6.88 8.73
CA ALA A 124 -0.72 7.82 9.53
C ALA A 124 -1.62 7.14 10.54
N ALA A 125 -2.35 6.13 10.10
CA ALA A 125 -3.19 5.34 11.01
C ALA A 125 -2.41 4.75 12.17
N ARG A 126 -1.23 4.20 11.92
CA ARG A 126 -0.41 3.67 13.04
C ARG A 126 -0.01 4.80 14.02
N GLY A 127 0.32 5.98 13.50
CA GLY A 127 0.64 7.10 14.36
C GLY A 127 -0.55 7.51 15.24
N TYR A 128 -1.71 7.66 14.63
CA TYR A 128 -2.92 7.99 15.37
C TYR A 128 -3.21 6.92 16.45
N ILE A 129 -3.19 5.64 16.05
CA ILE A 129 -3.54 4.57 16.99
C ILE A 129 -2.52 4.47 18.13
N SER A 130 -1.22 4.47 17.77
CA SER A 130 -0.19 4.36 18.83
C SER A 130 -0.23 5.57 19.78
N THR A 131 -0.55 6.75 19.26
CA THR A 131 -0.70 7.94 20.11
C THR A 131 -1.84 7.78 21.10
N ARG A 132 -2.97 7.28 20.62
CA ARG A 132 -4.12 7.05 21.48
C ARG A 132 -3.79 6.05 22.58
N VAL A 133 -3.02 5.03 22.25
CA VAL A 133 -2.60 4.05 23.22
C VAL A 133 -1.67 4.69 24.24
N GLU A 134 -0.69 5.49 23.80
CA GLU A 134 0.24 6.22 24.71
C GLU A 134 -0.47 7.24 25.59
N MET A 135 -1.61 7.73 25.14
CA MET A 135 -2.45 8.61 25.96
C MET A 135 -3.34 7.84 26.95
N GLY A 136 -3.31 6.51 26.93
CA GLY A 136 -4.13 5.68 27.83
C GLY A 136 -5.57 5.53 27.41
N GLU A 137 -5.86 5.74 26.12
CA GLU A 137 -7.22 5.84 25.68
C GLU A 137 -7.74 4.58 25.02
N ALA A 138 -6.85 3.64 24.69
CA ALA A 138 -7.26 2.48 23.90
C ALA A 138 -6.18 1.42 23.97
N ALA A 139 -6.51 0.21 23.51
CA ALA A 139 -5.56 -0.82 23.29
C ALA A 139 -5.44 -1.02 21.76
N ALA A 140 -4.32 -1.58 21.34
CA ALA A 140 -4.14 -1.92 19.95
C ALA A 140 -3.32 -3.17 19.74
N ILE A 141 -3.56 -3.84 18.61
CA ILE A 141 -2.77 -4.98 18.17
C ILE A 141 -2.31 -4.73 16.74
N PHE A 142 -0.99 -4.80 16.50
CA PHE A 142 -0.43 -4.67 15.15
C PHE A 142 0.07 -6.05 14.72
N MET A 143 -0.37 -6.55 13.58
CA MET A 143 0.01 -7.89 13.11
C MET A 143 0.78 -7.75 11.78
N THR A 144 1.95 -8.37 11.72
CA THR A 144 2.72 -8.44 10.48
C THR A 144 3.89 -9.37 10.61
N ALA A 145 4.39 -9.87 9.49
CA ALA A 145 5.61 -10.63 9.47
C ALA A 145 6.87 -9.82 9.81
N THR A 146 6.81 -8.50 9.61
CA THR A 146 7.94 -7.64 9.79
C THR A 146 7.51 -6.35 10.50
N PRO A 147 7.49 -6.37 11.85
CA PRO A 147 7.18 -5.18 12.60
C PRO A 147 8.04 -3.98 12.26
N PRO A 148 7.43 -2.80 12.16
CA PRO A 148 8.24 -1.59 11.97
C PRO A 148 9.39 -1.51 12.98
N GLY A 149 10.58 -1.23 12.49
CA GLY A 149 11.76 -1.24 13.34
C GLY A 149 12.61 -2.46 13.15
N THR A 150 12.05 -3.54 12.61
CA THR A 150 12.80 -4.79 12.47
C THR A 150 13.28 -4.96 11.01
N ARG A 151 14.55 -5.25 10.82
CA ARG A 151 15.14 -5.27 9.46
C ARG A 151 15.62 -6.67 9.18
N ASP A 152 14.67 -7.59 9.02
CA ASP A 152 14.94 -8.99 8.71
C ASP A 152 14.12 -9.36 7.48
N ALA A 153 14.82 -9.70 6.40
CA ALA A 153 14.17 -10.09 5.12
C ALA A 153 13.81 -11.58 5.04
N PHE A 154 14.18 -12.36 6.07
CA PHE A 154 14.10 -13.81 6.02
C PHE A 154 13.39 -14.34 7.27
N PRO A 155 12.07 -14.08 7.40
CA PRO A 155 11.30 -14.58 8.54
C PRO A 155 11.07 -16.08 8.48
N ASP A 156 10.50 -16.62 9.54
CA ASP A 156 10.18 -18.04 9.59
C ASP A 156 9.20 -18.39 8.48
N SER A 157 9.07 -19.67 8.19
CA SER A 157 8.16 -20.19 7.20
C SER A 157 7.65 -21.54 7.66
N ASN A 158 6.57 -22.01 7.04
CA ASN A 158 5.99 -23.32 7.40
C ASN A 158 6.93 -24.47 6.99
N SER A 159 7.68 -24.25 5.93
CA SER A 159 8.71 -25.20 5.45
C SER A 159 10.00 -24.43 5.21
N PRO A 160 11.18 -25.06 5.45
CA PRO A 160 12.46 -24.39 5.18
C PRO A 160 12.58 -23.94 3.72
N ILE A 161 13.11 -22.73 3.53
CA ILE A 161 13.29 -22.12 2.22
C ILE A 161 14.78 -22.05 1.90
N MET A 162 15.16 -22.46 0.69
N MET A 162 15.15 -22.44 0.69
CA MET A 162 16.54 -22.29 0.26
CA MET A 162 16.52 -22.30 0.23
C MET A 162 16.67 -20.89 -0.34
C MET A 162 16.71 -20.90 -0.38
N ASP A 163 17.44 -20.04 0.33
CA ASP A 163 17.67 -18.63 -0.08
C ASP A 163 18.99 -18.52 -0.81
N THR A 164 18.97 -18.06 -2.06
CA THR A 164 20.21 -17.95 -2.84
C THR A 164 20.26 -16.64 -3.58
N GLU A 165 21.32 -15.86 -3.35
CA GLU A 165 21.52 -14.66 -4.12
C GLU A 165 22.13 -15.01 -5.47
N VAL A 166 21.55 -14.47 -6.53
CA VAL A 166 22.01 -14.76 -7.90
C VAL A 166 21.93 -13.50 -8.75
N GLU A 167 22.50 -13.56 -9.95
CA GLU A 167 22.24 -12.55 -10.94
C GLU A 167 20.89 -12.82 -11.58
N VAL A 168 19.90 -11.98 -11.24
CA VAL A 168 18.55 -12.11 -11.73
C VAL A 168 18.43 -11.26 -12.99
N PRO A 169 17.95 -11.85 -14.10
CA PRO A 169 17.78 -11.02 -15.32
C PRO A 169 16.64 -10.01 -15.14
N GLU A 170 16.88 -8.79 -15.60
CA GLU A 170 15.92 -7.73 -15.46
C GLU A 170 15.47 -7.15 -16.81
N ARG A 171 15.95 -7.76 -17.87
CA ARG A 171 15.55 -7.44 -19.25
C ARG A 171 15.41 -8.76 -20.00
N ALA A 172 14.77 -8.75 -21.18
CA ALA A 172 14.72 -9.94 -22.01
C ALA A 172 16.13 -10.44 -22.27
N TRP A 173 16.31 -11.75 -22.27
CA TRP A 173 17.63 -12.39 -22.46
C TRP A 173 17.51 -13.48 -23.52
N SER A 174 18.60 -13.71 -24.25
CA SER A 174 18.69 -14.81 -25.20
C SER A 174 19.61 -15.92 -24.73
N SER A 175 20.40 -15.69 -23.69
CA SER A 175 21.25 -16.71 -23.11
C SER A 175 21.73 -16.24 -21.75
N GLY A 176 22.41 -17.14 -21.06
CA GLY A 176 23.10 -16.77 -19.83
C GLY A 176 22.28 -16.91 -18.54
N PHE A 177 21.03 -17.38 -18.64
CA PHE A 177 20.17 -17.55 -17.45
C PHE A 177 19.40 -18.85 -17.54
N ASP A 178 20.09 -19.93 -17.92
CA ASP A 178 19.44 -21.20 -18.20
C ASP A 178 18.60 -21.70 -17.01
N TRP A 179 19.05 -21.43 -15.80
CA TRP A 179 18.37 -21.86 -14.58
C TRP A 179 16.94 -21.32 -14.48
N VAL A 180 16.66 -20.23 -15.19
CA VAL A 180 15.31 -19.68 -15.18
C VAL A 180 14.31 -20.60 -15.88
N THR A 181 14.64 -21.01 -17.09
CA THR A 181 13.74 -21.78 -17.93
C THR A 181 13.94 -23.32 -17.84
N ASP A 182 15.08 -23.80 -17.35
CA ASP A 182 15.29 -25.25 -17.10
C ASP A 182 14.57 -25.82 -15.88
N TYR A 183 13.95 -24.97 -15.09
CA TYR A 183 13.27 -25.39 -13.86
C TYR A 183 11.91 -26.01 -14.19
N SER A 184 11.58 -27.11 -13.50
CA SER A 184 10.36 -27.87 -13.79
C SER A 184 9.11 -27.45 -12.99
N GLY A 185 9.29 -26.69 -11.92
CA GLY A 185 8.16 -26.22 -11.07
C GLY A 185 7.50 -24.90 -11.48
N LYS A 186 6.82 -24.28 -10.52
CA LYS A 186 6.04 -23.07 -10.73
C LYS A 186 6.71 -21.90 -10.03
N THR A 187 6.82 -20.77 -10.73
CA THR A 187 7.61 -19.62 -10.25
C THR A 187 6.78 -18.36 -10.16
N VAL A 188 6.92 -17.63 -9.04
CA VAL A 188 6.37 -16.28 -8.90
C VAL A 188 7.57 -15.33 -8.96
N TRP A 189 7.51 -14.39 -9.90
CA TRP A 189 8.62 -13.47 -10.19
C TRP A 189 8.16 -12.03 -9.95
N PHE A 190 8.79 -11.38 -8.97
CA PHE A 190 8.50 -9.99 -8.62
C PHE A 190 9.36 -9.01 -9.39
N VAL A 191 8.68 -8.10 -10.07
CA VAL A 191 9.29 -7.06 -10.91
C VAL A 191 8.89 -5.68 -10.39
N PRO A 192 9.64 -4.64 -10.78
CA PRO A 192 9.34 -3.28 -10.24
C PRO A 192 8.21 -2.56 -10.94
N SER A 193 7.89 -2.94 -12.17
CA SER A 193 6.93 -2.14 -12.96
C SER A 193 6.21 -3.02 -13.92
N VAL A 194 5.09 -2.52 -14.44
CA VAL A 194 4.31 -3.22 -15.43
C VAL A 194 5.10 -3.38 -16.74
N ARG A 195 5.74 -2.30 -17.17
CA ARG A 195 6.55 -2.28 -18.41
C ARG A 195 7.67 -3.29 -18.32
N ASN A 196 8.32 -3.37 -17.17
CA ASN A 196 9.42 -4.32 -16.99
C ASN A 196 8.86 -5.76 -16.99
N GLY A 197 7.76 -5.99 -16.29
CA GLY A 197 7.15 -7.31 -16.32
C GLY A 197 6.68 -7.73 -17.69
N ASN A 198 6.16 -6.78 -18.48
CA ASN A 198 5.73 -7.10 -19.87
C ASN A 198 6.93 -7.65 -20.68
N GLU A 199 8.10 -7.05 -20.49
CA GLU A 199 9.31 -7.49 -21.20
C GLU A 199 9.78 -8.90 -20.79
N ILE A 200 9.79 -9.17 -19.49
CA ILE A 200 10.17 -10.48 -18.98
C ILE A 200 9.14 -11.51 -19.42
N ALA A 201 7.87 -11.18 -19.27
CA ALA A 201 6.80 -12.11 -19.63
C ALA A 201 6.87 -12.46 -21.12
N ALA A 202 7.11 -11.46 -21.98
CA ALA A 202 7.21 -11.74 -23.43
C ALA A 202 8.37 -12.68 -23.74
N CYS A 203 9.46 -12.53 -23.00
CA CYS A 203 10.65 -13.36 -23.17
C CYS A 203 10.35 -14.79 -22.77
N LEU A 204 9.67 -14.94 -21.64
CA LEU A 204 9.31 -16.26 -21.15
C LEU A 204 8.29 -16.93 -22.08
N THR A 205 7.32 -16.15 -22.56
CA THR A 205 6.33 -16.72 -23.47
C THR A 205 7.01 -17.22 -24.78
N LYS A 206 7.98 -16.47 -25.29
CA LYS A 206 8.72 -16.87 -26.49
C LYS A 206 9.50 -18.16 -26.25
N ALA A 207 10.02 -18.35 -25.04
CA ALA A 207 10.67 -19.61 -24.66
C ALA A 207 9.72 -20.79 -24.39
N GLY A 208 8.41 -20.59 -24.57
CA GLY A 208 7.45 -21.66 -24.48
C GLY A 208 6.77 -21.81 -23.13
N LYS A 209 6.93 -20.84 -22.23
CA LYS A 209 6.28 -20.89 -20.94
C LYS A 209 4.91 -20.23 -20.95
N ARG A 210 4.06 -20.70 -20.05
CA ARG A 210 2.73 -20.17 -19.80
C ARG A 210 2.86 -19.16 -18.67
N VAL A 211 2.57 -17.90 -19.00
CA VAL A 211 2.76 -16.78 -18.08
C VAL A 211 1.45 -16.05 -17.82
N ILE A 212 1.23 -15.70 -16.55
CA ILE A 212 0.16 -14.78 -16.15
C ILE A 212 0.85 -13.57 -15.52
N GLN A 213 0.37 -12.37 -15.84
CA GLN A 213 0.93 -11.13 -15.31
C GLN A 213 -0.05 -10.47 -14.37
N LEU A 214 0.44 -10.02 -13.21
CA LEU A 214 -0.37 -9.33 -12.24
C LEU A 214 0.15 -7.96 -11.91
N SER A 215 -0.77 -7.03 -11.87
CA SER A 215 -0.55 -5.65 -11.39
C SER A 215 -1.89 -5.14 -10.84
N ARG A 216 -1.89 -3.93 -10.30
CA ARG A 216 -3.17 -3.34 -9.84
C ARG A 216 -4.20 -3.31 -10.98
N LYS A 217 -3.77 -2.89 -12.15
CA LYS A 217 -4.66 -2.76 -13.29
C LYS A 217 -5.30 -4.07 -13.72
N THR A 218 -4.57 -5.18 -13.60
CA THR A 218 -5.04 -6.49 -14.10
C THR A 218 -5.48 -7.49 -13.05
N PHE A 219 -5.31 -7.17 -11.76
CA PHE A 219 -5.40 -8.18 -10.71
C PHE A 219 -6.77 -8.85 -10.62
N GLU A 220 -7.82 -8.06 -10.74
CA GLU A 220 -9.17 -8.60 -10.58
C GLU A 220 -9.42 -9.76 -11.54
N THR A 221 -9.10 -9.52 -12.82
CA THR A 221 -9.29 -10.56 -13.84
C THR A 221 -8.20 -11.66 -13.81
N GLU A 222 -6.94 -11.27 -13.66
CA GLU A 222 -5.85 -12.22 -13.84
C GLU A 222 -5.57 -13.08 -12.61
N PHE A 223 -5.81 -12.55 -11.41
CA PHE A 223 -5.46 -13.34 -10.24
C PHE A 223 -6.29 -14.62 -10.21
N GLN A 224 -7.57 -14.51 -10.56
CA GLN A 224 -8.41 -15.72 -10.63
C GLN A 224 -7.87 -16.81 -11.57
N LYS A 225 -7.25 -16.38 -12.66
CA LYS A 225 -6.62 -17.31 -13.56
C LYS A 225 -5.48 -18.11 -12.93
N THR A 226 -4.77 -17.53 -11.94
CA THR A 226 -3.71 -18.27 -11.26
C THR A 226 -4.24 -19.44 -10.44
N LYS A 227 -5.49 -19.34 -10.01
CA LYS A 227 -6.19 -20.42 -9.33
C LYS A 227 -6.84 -21.44 -10.21
N HIS A 228 -7.16 -21.09 -11.46
CA HIS A 228 -7.97 -21.97 -12.34
C HIS A 228 -7.37 -22.45 -13.65
N GLN A 229 -6.18 -21.98 -14.00
CA GLN A 229 -5.49 -22.39 -15.24
C GLN A 229 -4.11 -22.88 -14.87
N GLU A 230 -3.54 -23.75 -15.71
CA GLU A 230 -2.13 -24.13 -15.54
C GLU A 230 -1.27 -22.97 -15.91
N TRP A 231 -0.20 -22.78 -15.16
CA TRP A 231 0.77 -21.75 -15.46
C TRP A 231 2.12 -22.19 -15.02
N ASP A 232 3.14 -21.66 -15.70
CA ASP A 232 4.53 -21.86 -15.33
C ASP A 232 5.15 -20.70 -14.53
N PHE A 233 4.83 -19.48 -14.94
CA PHE A 233 5.30 -18.27 -14.24
C PHE A 233 4.18 -17.29 -13.99
N VAL A 234 4.20 -16.68 -12.79
CA VAL A 234 3.42 -15.52 -12.49
C VAL A 234 4.43 -14.38 -12.45
N VAL A 235 4.24 -13.38 -13.27
CA VAL A 235 5.14 -12.20 -13.29
C VAL A 235 4.30 -11.06 -12.71
N THR A 236 4.69 -10.59 -11.53
CA THR A 236 3.85 -9.69 -10.74
C THR A 236 4.61 -8.50 -10.19
N THR A 237 3.91 -7.37 -10.07
CA THR A 237 4.40 -6.26 -9.27
C THR A 237 4.17 -6.55 -7.80
N ASP A 238 4.55 -5.60 -6.96
CA ASP A 238 4.29 -5.70 -5.54
C ASP A 238 2.81 -5.71 -5.13
N ILE A 239 1.88 -5.67 -6.06
CA ILE A 239 0.49 -5.97 -5.67
C ILE A 239 0.37 -7.31 -4.95
N SER A 240 1.22 -8.28 -5.28
CA SER A 240 1.14 -9.61 -4.69
C SER A 240 1.87 -9.77 -3.39
N GLU A 241 2.41 -8.69 -2.84
CA GLU A 241 2.94 -8.73 -1.49
C GLU A 241 1.89 -8.91 -0.40
N MET A 242 0.63 -8.57 -0.68
CA MET A 242 -0.44 -8.74 0.27
C MET A 242 -1.64 -9.28 -0.48
N GLY A 243 -2.41 -10.13 0.20
CA GLY A 243 -3.71 -10.57 -0.33
C GLY A 243 -3.62 -11.67 -1.37
N ALA A 244 -2.42 -12.18 -1.67
CA ALA A 244 -2.21 -13.05 -2.85
C ALA A 244 -1.41 -14.28 -2.45
N ASN A 245 -1.98 -15.47 -2.66
CA ASN A 245 -1.25 -16.68 -2.46
C ASN A 245 -1.32 -17.56 -3.70
N PHE A 246 -0.30 -18.38 -3.82
CA PHE A 246 -0.04 -19.16 -5.02
C PHE A 246 0.38 -20.55 -4.59
N LYS A 247 0.14 -21.51 -5.47
CA LYS A 247 0.71 -22.87 -5.30
C LYS A 247 1.97 -22.92 -6.12
N ALA A 248 3.07 -22.47 -5.53
CA ALA A 248 4.35 -22.34 -6.22
C ALA A 248 5.48 -22.97 -5.44
N ASP A 249 6.59 -23.16 -6.13
CA ASP A 249 7.79 -23.81 -5.63
C ASP A 249 9.03 -22.88 -5.60
N ARG A 250 8.98 -21.79 -6.36
CA ARG A 250 10.08 -20.88 -6.45
C ARG A 250 9.59 -19.43 -6.57
N VAL A 251 10.31 -18.53 -5.89
CA VAL A 251 10.17 -17.09 -6.16
C VAL A 251 11.47 -16.58 -6.71
N ILE A 252 11.38 -15.81 -7.79
CA ILE A 252 12.48 -15.02 -8.29
C ILE A 252 12.18 -13.58 -7.92
N ASP A 253 13.17 -12.91 -7.31
CA ASP A 253 12.94 -11.57 -6.80
C ASP A 253 14.04 -10.64 -7.25
N SER A 254 13.69 -9.70 -8.13
CA SER A 254 14.54 -8.59 -8.52
C SER A 254 15.02 -7.78 -7.33
N ARG A 255 14.24 -7.80 -6.26
CA ARG A 255 14.41 -6.94 -5.12
C ARG A 255 14.40 -5.47 -5.45
N ARG A 256 13.63 -5.12 -6.49
CA ARG A 256 13.44 -3.75 -6.91
C ARG A 256 11.99 -3.35 -6.90
N CYS A 257 11.78 -2.06 -6.69
CA CYS A 257 10.46 -1.44 -6.76
C CYS A 257 10.60 0.01 -7.28
N LEU A 258 9.46 0.60 -7.62
CA LEU A 258 9.33 2.04 -7.89
C LEU A 258 8.61 2.65 -6.73
N LYS A 259 9.12 3.77 -6.24
CA LYS A 259 8.43 4.50 -5.19
C LYS A 259 8.46 6.02 -5.42
N PRO A 260 7.40 6.72 -5.02
CA PRO A 260 7.48 8.20 -5.11
C PRO A 260 8.52 8.80 -4.17
N VAL A 261 9.25 9.78 -4.67
CA VAL A 261 10.30 10.48 -3.93
C VAL A 261 10.17 11.98 -4.21
N ILE A 262 10.26 12.79 -3.16
CA ILE A 262 10.21 14.25 -3.31
C ILE A 262 11.64 14.74 -3.58
N LEU A 263 11.85 15.36 -4.75
CA LEU A 263 13.12 16.00 -5.10
C LEU A 263 13.17 17.44 -4.66
N ASP A 264 14.15 17.78 -3.81
CA ASP A 264 14.45 19.16 -3.45
C ASP A 264 13.29 19.90 -2.80
N GLY A 265 12.37 19.17 -2.16
CA GLY A 265 11.12 19.75 -1.66
C GLY A 265 10.21 20.33 -2.72
N GLU A 266 10.49 20.15 -4.00
CA GLU A 266 9.78 20.90 -5.03
C GLU A 266 8.91 20.10 -6.03
N ARG A 267 9.20 18.83 -6.24
CA ARG A 267 8.46 17.99 -7.17
C ARG A 267 8.51 16.53 -6.70
N VAL A 268 7.63 15.71 -7.22
CA VAL A 268 7.62 14.28 -6.92
C VAL A 268 7.89 13.47 -8.18
N ILE A 269 8.85 12.57 -8.07
CA ILE A 269 9.13 11.61 -9.12
C ILE A 269 8.76 10.23 -8.71
N LEU A 270 8.56 9.36 -9.69
CA LEU A 270 8.33 7.96 -9.38
C LEU A 270 9.70 7.35 -9.59
N ALA A 271 10.47 7.23 -8.50
CA ALA A 271 11.89 6.90 -8.55
C ALA A 271 12.13 5.40 -8.60
N GLY A 272 13.21 5.03 -9.27
CA GLY A 272 13.64 3.64 -9.31
C GLY A 272 13.80 3.15 -10.74
N PRO A 273 13.97 1.85 -10.96
CA PRO A 273 13.90 0.82 -9.91
C PRO A 273 14.96 0.98 -8.85
N MET A 274 14.58 0.77 -7.61
CA MET A 274 15.46 0.92 -6.45
C MET A 274 15.25 -0.29 -5.55
N PRO A 275 16.17 -0.53 -4.62
CA PRO A 275 16.03 -1.66 -3.72
C PRO A 275 14.77 -1.60 -2.86
N VAL A 276 14.16 -2.76 -2.68
CA VAL A 276 13.01 -2.90 -1.79
C VAL A 276 13.44 -2.90 -0.33
N THR A 277 12.48 -2.63 0.53
CA THR A 277 12.73 -2.69 1.95
C THR A 277 12.77 -4.12 2.45
N HIS A 278 13.27 -4.32 3.66
CA HIS A 278 13.26 -5.67 4.29
C HIS A 278 11.85 -6.23 4.38
N ALA A 279 10.91 -5.40 4.81
CA ALA A 279 9.55 -5.85 4.93
C ALA A 279 8.97 -6.35 3.60
N SER A 280 9.21 -5.62 2.52
CA SER A 280 8.69 -6.04 1.23
C SER A 280 9.38 -7.32 0.70
N ALA A 281 10.68 -7.39 0.85
CA ALA A 281 11.40 -8.62 0.49
C ALA A 281 10.87 -9.84 1.26
N ALA A 282 10.54 -9.64 2.55
CA ALA A 282 9.98 -10.72 3.35
C ALA A 282 8.60 -11.15 2.85
N GLN A 283 7.78 -10.20 2.43
CA GLN A 283 6.47 -10.52 1.87
C GLN A 283 6.62 -11.26 0.55
N ARG A 284 7.58 -10.86 -0.26
CA ARG A 284 7.80 -11.51 -1.59
C ARG A 284 8.27 -12.99 -1.43
N ARG A 285 9.30 -13.17 -0.63
CA ARG A 285 9.78 -14.50 -0.26
C ARG A 285 8.67 -15.39 0.36
N GLY A 286 7.82 -14.76 1.18
CA GLY A 286 6.76 -15.42 1.90
C GLY A 286 5.70 -16.06 1.05
N ARG A 287 5.71 -15.80 -0.25
CA ARG A 287 4.84 -16.56 -1.15
C ARG A 287 5.19 -18.05 -1.24
N ILE A 288 6.42 -18.44 -0.92
CA ILE A 288 6.78 -19.87 -0.93
C ILE A 288 7.24 -20.37 0.43
N GLY A 289 7.53 -21.67 0.52
CA GLY A 289 7.80 -22.29 1.82
C GLY A 289 6.57 -22.41 2.71
N ARG A 290 5.40 -22.47 2.08
CA ARG A 290 4.13 -22.41 2.83
C ARG A 290 3.54 -23.76 3.23
N ASN A 291 4.08 -24.84 2.67
CA ASN A 291 3.50 -26.18 2.84
C ASN A 291 4.53 -27.04 3.55
N PRO A 292 4.26 -27.44 4.81
CA PRO A 292 5.26 -28.27 5.52
C PRO A 292 5.53 -29.61 4.80
N ASN A 293 4.53 -30.12 4.09
CA ASN A 293 4.68 -31.36 3.31
C ASN A 293 5.29 -31.18 1.94
N LYS A 294 5.70 -29.96 1.59
CA LYS A 294 6.37 -29.72 0.30
C LYS A 294 7.69 -29.03 0.57
N PRO A 295 8.72 -29.80 0.93
CA PRO A 295 10.02 -29.21 1.15
C PRO A 295 10.71 -28.81 -0.15
N GLY A 296 11.75 -27.99 -0.02
CA GLY A 296 12.61 -27.67 -1.14
C GLY A 296 12.26 -26.42 -1.93
N ASP A 297 11.34 -25.59 -1.42
CA ASP A 297 11.03 -24.33 -2.12
C ASP A 297 12.23 -23.39 -2.08
N GLU A 298 12.32 -22.53 -3.09
CA GLU A 298 13.54 -21.73 -3.32
C GLU A 298 13.17 -20.25 -3.50
N TYR A 299 13.98 -19.38 -2.92
CA TYR A 299 13.90 -17.94 -3.11
C TYR A 299 15.24 -17.45 -3.71
N LEU A 300 15.18 -17.06 -4.96
CA LEU A 300 16.33 -16.56 -5.72
C LEU A 300 16.23 -15.05 -5.88
N TYR A 301 17.20 -14.33 -5.32
CA TYR A 301 17.12 -12.89 -5.22
C TYR A 301 18.34 -12.18 -5.75
N GLY A 302 18.12 -10.95 -6.21
CA GLY A 302 19.06 -10.29 -7.11
C GLY A 302 19.95 -9.24 -6.55
N GLY A 303 19.78 -8.90 -5.26
CA GLY A 303 20.56 -7.88 -4.60
C GLY A 303 20.07 -7.62 -3.17
N GLY A 304 20.57 -6.57 -2.54
CA GLY A 304 20.28 -6.29 -1.13
C GLY A 304 18.98 -5.51 -0.98
N CYS A 305 18.53 -5.43 0.25
CA CYS A 305 17.42 -4.55 0.58
C CYS A 305 17.93 -3.16 0.90
N ALA A 306 17.01 -2.20 0.84
CA ALA A 306 17.32 -0.79 1.09
C ALA A 306 17.84 -0.62 2.50
N GLU A 307 19.04 -0.08 2.67
CA GLU A 307 19.54 0.30 4.00
C GLU A 307 18.77 1.55 4.45
N THR A 308 18.68 2.54 3.54
CA THR A 308 17.97 3.81 3.75
C THR A 308 16.57 3.78 3.14
N ASP A 309 15.66 4.43 3.83
CA ASP A 309 14.26 4.41 3.45
C ASP A 309 13.57 5.77 3.50
N GLU A 310 14.30 6.75 4.02
CA GLU A 310 13.76 8.02 4.42
C GLU A 310 13.49 8.85 3.19
N ASP A 311 14.06 8.46 2.06
CA ASP A 311 13.81 9.14 0.80
C ASP A 311 12.36 9.02 0.30
N HIS A 312 11.67 7.95 0.66
CA HIS A 312 10.32 7.76 0.14
C HIS A 312 9.35 8.89 0.62
N ALA A 313 8.54 9.43 -0.32
CA ALA A 313 7.57 10.49 -0.09
C ALA A 313 6.50 10.12 0.95
N HIS A 314 6.22 8.81 1.06
CA HIS A 314 5.15 8.37 1.98
CA HIS A 314 5.13 8.39 1.93
C HIS A 314 5.33 8.80 3.42
N TRP A 315 6.57 8.93 3.88
CA TRP A 315 6.81 9.33 5.25
C TRP A 315 6.36 10.79 5.50
N LEU A 316 6.79 11.71 4.64
CA LEU A 316 6.37 13.08 4.78
C LEU A 316 4.85 13.21 4.57
N GLU A 317 4.32 12.48 3.61
CA GLU A 317 2.85 12.48 3.32
C GLU A 317 2.07 12.03 4.57
N ALA A 318 2.59 11.04 5.27
CA ALA A 318 1.95 10.57 6.52
C ALA A 318 1.91 11.67 7.55
N ARG A 319 3.00 12.45 7.67
CA ARG A 319 3.01 13.62 8.54
C ARG A 319 2.04 14.73 8.10
N MET A 320 1.94 14.96 6.80
CA MET A 320 0.92 15.88 6.28
C MET A 320 -0.50 15.47 6.69
N LEU A 321 -0.80 14.17 6.61
CA LEU A 321 -2.10 13.66 7.07
C LEU A 321 -2.24 13.84 8.58
N LEU A 322 -1.28 13.33 9.35
CA LEU A 322 -1.40 13.42 10.79
C LEU A 322 -1.43 14.80 11.35
N ASP A 323 -0.69 15.74 10.76
CA ASP A 323 -0.76 17.13 11.21
C ASP A 323 -2.15 17.77 11.06
N ASN A 324 -3.01 17.15 10.24
CA ASN A 324 -4.33 17.69 9.95
C ASN A 324 -5.47 16.83 10.46
N ILE A 325 -5.16 15.84 11.30
CA ILE A 325 -6.18 15.04 11.99
C ILE A 325 -6.32 15.65 13.39
N TYR A 326 -7.55 16.03 13.69
CA TYR A 326 -7.90 16.63 14.96
C TYR A 326 -7.89 15.55 16.02
N LEU A 327 -7.12 15.80 17.06
CA LEU A 327 -7.28 15.12 18.34
C LEU A 327 -7.96 16.16 19.23
N GLN A 328 -8.50 15.72 20.36
CA GLN A 328 -9.09 16.66 21.30
C GLN A 328 -8.10 17.81 21.60
N ASP A 329 -8.62 19.05 21.61
CA ASP A 329 -7.88 20.26 21.98
C ASP A 329 -6.70 20.61 21.08
N GLY A 330 -6.81 20.21 19.82
CA GLY A 330 -5.78 20.54 18.86
C GLY A 330 -4.43 19.86 19.07
N LEU A 331 -4.38 18.77 19.87
CA LEU A 331 -3.15 18.00 20.00
C LEU A 331 -2.90 17.33 18.66
N ILE A 332 -1.65 16.99 18.41
CA ILE A 332 -1.25 16.35 17.12
C ILE A 332 -0.60 15.03 17.43
N ALA A 333 -1.03 13.99 16.73
CA ALA A 333 -0.42 12.68 16.93
C ALA A 333 0.99 12.58 16.36
N SER A 334 1.77 11.74 16.99
CA SER A 334 3.09 11.40 16.51
C SER A 334 3.02 10.16 15.61
N LEU A 335 3.97 9.99 14.73
CA LEU A 335 4.18 8.72 14.07
C LEU A 335 4.47 7.64 15.12
N TYR A 336 4.16 6.39 14.74
CA TYR A 336 4.47 5.25 15.59
C TYR A 336 5.99 5.25 15.86
N ARG A 337 6.39 5.09 17.13
CA ARG A 337 7.78 5.43 17.50
C ARG A 337 8.89 4.78 16.66
N PRO A 338 8.77 3.49 16.34
CA PRO A 338 9.84 2.86 15.55
C PRO A 338 9.97 3.39 14.12
N GLU A 339 9.01 4.17 13.63
CA GLU A 339 9.17 4.78 12.30
C GLU A 339 9.12 6.33 12.38
N ALA A 340 9.13 6.87 13.60
CA ALA A 340 9.09 8.32 13.79
C ALA A 340 10.37 9.02 13.27
N ASP A 341 11.51 8.36 13.32
CA ASP A 341 12.73 8.99 12.80
C ASP A 341 12.88 8.94 11.27
N LYS A 342 11.89 8.41 10.54
CA LYS A 342 11.96 8.38 9.09
C LYS A 342 11.63 9.72 8.42
N VAL A 343 11.15 10.68 9.19
CA VAL A 343 10.94 12.04 8.72
C VAL A 343 11.65 12.99 9.64
N ALA A 344 12.18 14.09 9.10
CA ALA A 344 12.84 15.10 9.93
C ALA A 344 12.04 16.39 10.12
N ALA A 345 10.70 16.30 10.11
CA ALA A 345 9.84 17.48 10.28
C ALA A 345 9.29 17.60 11.71
N ILE A 346 9.15 18.81 12.26
CA ILE A 346 8.53 19.02 13.59
C ILE A 346 7.03 18.78 13.53
N GLU A 347 6.44 18.18 14.58
CA GLU A 347 5.00 17.90 14.63
C GLU A 347 4.26 19.23 14.51
N GLY A 348 3.34 19.29 13.55
CA GLY A 348 2.52 20.49 13.30
C GLY A 348 3.01 21.40 12.22
N GLU A 349 4.17 21.13 11.62
CA GLU A 349 4.65 21.94 10.52
C GLU A 349 3.65 22.08 9.40
N PHE A 350 2.94 20.97 9.13
CA PHE A 350 2.02 20.93 8.01
C PHE A 350 0.58 21.09 8.44
N LYS A 351 0.33 21.50 9.68
CA LYS A 351 -1.05 21.79 10.12
C LYS A 351 -1.61 23.02 9.38
N LEU A 352 -2.69 22.81 8.65
CA LEU A 352 -3.29 23.88 7.89
C LEU A 352 -4.39 24.53 8.72
N ARG A 353 -4.59 25.83 8.47
CA ARG A 353 -5.73 26.55 9.02
C ARG A 353 -7.01 26.00 8.44
N THR A 354 -8.11 26.34 9.07
CA THR A 354 -9.38 25.65 8.82
C THR A 354 -9.80 25.49 7.37
N GLU A 355 -9.85 26.61 6.65
CA GLU A 355 -10.29 26.60 5.26
C GLU A 355 -9.32 25.88 4.34
N GLN A 356 -8.01 26.11 4.48
CA GLN A 356 -7.06 25.39 3.66
C GLN A 356 -7.11 23.87 3.95
N ARG A 357 -7.33 23.48 5.21
CA ARG A 357 -7.41 22.08 5.58
C ARG A 357 -8.59 21.42 4.86
N LYS A 358 -9.74 22.10 4.84
CA LYS A 358 -10.90 21.57 4.11
C LYS A 358 -10.57 21.32 2.62
N THR A 359 -9.85 22.26 2.02
CA THR A 359 -9.42 22.15 0.63
C THR A 359 -8.53 20.94 0.39
N PHE A 360 -7.53 20.79 1.27
CA PHE A 360 -6.59 19.65 1.22
C PHE A 360 -7.34 18.34 1.22
N VAL A 361 -8.29 18.21 2.17
CA VAL A 361 -9.07 16.99 2.33
C VAL A 361 -9.90 16.71 1.08
N GLU A 362 -10.54 17.75 0.53
CA GLU A 362 -11.37 17.59 -0.66
C GLU A 362 -10.57 17.20 -1.90
N LEU A 363 -9.42 17.81 -2.08
CA LEU A 363 -8.51 17.48 -3.16
C LEU A 363 -8.11 16.00 -3.17
N MET A 364 -7.87 15.45 -1.98
CA MET A 364 -7.52 14.03 -1.88
C MET A 364 -8.75 13.12 -2.11
N LYS A 365 -9.85 13.41 -1.43
CA LYS A 365 -10.99 12.50 -1.39
C LYS A 365 -11.79 12.56 -2.70
N ARG A 366 -12.06 13.76 -3.18
CA ARG A 366 -12.84 13.95 -4.43
C ARG A 366 -11.97 14.16 -5.67
N GLY A 367 -10.78 14.74 -5.50
CA GLY A 367 -9.86 14.94 -6.59
C GLY A 367 -8.99 13.76 -6.90
N ASP A 368 -8.85 12.85 -5.93
CA ASP A 368 -7.91 11.70 -5.93
C ASP A 368 -6.48 12.14 -6.16
N LEU A 369 -6.13 13.34 -5.69
CA LEU A 369 -4.76 13.80 -5.83
C LEU A 369 -3.90 13.14 -4.78
N PRO A 370 -2.62 12.87 -5.11
CA PRO A 370 -1.70 12.41 -4.08
C PRO A 370 -1.65 13.41 -2.93
N VAL A 371 -1.33 12.92 -1.74
CA VAL A 371 -1.22 13.76 -0.56
C VAL A 371 -0.29 14.98 -0.75
N TRP A 372 0.92 14.74 -1.24
CA TRP A 372 1.89 15.84 -1.40
C TRP A 372 1.31 16.93 -2.32
N LEU A 373 0.72 16.52 -3.43
CA LEU A 373 0.17 17.47 -4.40
C LEU A 373 -0.99 18.29 -3.85
N ALA A 374 -1.92 17.57 -3.20
CA ALA A 374 -3.06 18.18 -2.52
C ALA A 374 -2.57 19.25 -1.55
N TYR A 375 -1.51 18.92 -0.81
CA TYR A 375 -0.97 19.84 0.15
C TYR A 375 -0.41 21.12 -0.50
N GLN A 376 0.33 20.99 -1.59
CA GLN A 376 0.87 22.17 -2.29
C GLN A 376 -0.26 23.10 -2.74
N VAL A 377 -1.31 22.53 -3.32
CA VAL A 377 -2.40 23.31 -3.85
C VAL A 377 -3.16 24.01 -2.71
N ALA A 378 -3.50 23.25 -1.67
CA ALA A 378 -4.26 23.79 -0.54
C ALA A 378 -3.46 24.89 0.18
N SER A 379 -2.17 24.63 0.39
CA SER A 379 -1.34 25.59 1.11
C SER A 379 -1.05 26.86 0.32
N ALA A 380 -1.26 26.82 -1.00
CA ALA A 380 -1.21 27.97 -1.87
C ALA A 380 -2.46 28.89 -1.75
N GLY A 381 -3.50 28.48 -1.04
CA GLY A 381 -4.71 29.24 -0.95
C GLY A 381 -5.66 29.04 -2.12
N ILE A 382 -5.41 28.04 -2.96
CA ILE A 382 -6.27 27.76 -4.13
C ILE A 382 -7.50 27.03 -3.62
N THR A 383 -8.66 27.35 -4.17
CA THR A 383 -9.89 26.64 -3.84
C THR A 383 -10.03 25.36 -4.68
N TYR A 384 -10.76 24.40 -4.12
CA TYR A 384 -10.86 23.05 -4.68
C TYR A 384 -11.28 23.03 -6.18
N THR A 385 -12.26 23.89 -6.51
CA THR A 385 -12.83 23.95 -7.83
C THR A 385 -12.05 24.78 -8.86
N ASP A 386 -11.03 25.51 -8.43
CA ASP A 386 -10.26 26.41 -9.30
C ASP A 386 -9.08 25.61 -9.86
N ARG A 387 -9.18 25.24 -11.14
CA ARG A 387 -8.23 24.32 -11.77
C ARG A 387 -7.20 25.05 -12.63
N ARG A 388 -7.11 26.36 -12.47
CA ARG A 388 -6.16 27.16 -13.28
C ARG A 388 -4.74 26.67 -13.14
N TRP A 389 -4.40 26.22 -11.93
CA TRP A 389 -3.05 25.73 -11.62
C TRP A 389 -2.63 24.55 -12.46
N CYS A 390 -3.60 23.81 -13.01
CA CYS A 390 -3.26 22.67 -13.85
C CYS A 390 -2.60 23.07 -15.18
N PHE A 391 -2.63 24.35 -15.53
CA PHE A 391 -2.22 24.80 -16.86
C PHE A 391 -1.14 25.85 -16.89
N ASP A 392 -0.73 26.35 -15.72
CA ASP A 392 0.12 27.54 -15.65
C ASP A 392 1.49 27.33 -15.07
N GLY A 393 1.96 26.08 -15.03
CA GLY A 393 3.30 25.77 -14.57
C GLY A 393 4.37 26.17 -15.57
N THR A 394 5.60 25.88 -15.19
CA THR A 394 6.77 26.05 -16.06
C THR A 394 6.79 24.98 -17.14
N THR A 395 7.50 25.24 -18.25
CA THR A 395 7.48 24.35 -19.42
C THR A 395 7.92 22.95 -19.11
N ASN A 396 8.90 22.80 -18.22
CA ASN A 396 9.35 21.47 -17.87
C ASN A 396 8.30 20.66 -17.13
N ASN A 397 7.20 21.27 -16.70
CA ASN A 397 6.09 20.51 -16.09
C ASN A 397 5.02 20.09 -17.08
N THR A 398 5.23 20.28 -18.38
CA THR A 398 4.27 19.83 -19.41
C THR A 398 4.09 18.32 -19.38
N ILE A 399 2.85 17.86 -19.30
CA ILE A 399 2.58 16.45 -19.24
C ILE A 399 2.46 15.90 -20.65
N MET A 400 3.15 14.79 -20.92
CA MET A 400 3.15 14.15 -22.26
C MET A 400 2.30 12.91 -22.29
N GLU A 401 1.64 12.71 -23.41
CA GLU A 401 0.82 11.52 -23.68
C GLU A 401 1.14 11.10 -25.10
N ASP A 402 1.51 9.84 -25.31
CA ASP A 402 1.86 9.32 -26.66
C ASP A 402 2.96 10.20 -27.29
N SER A 403 3.91 10.60 -26.45
CA SER A 403 5.07 11.40 -26.83
C SER A 403 4.80 12.83 -27.32
N VAL A 404 3.61 13.40 -27.06
CA VAL A 404 3.32 14.80 -27.40
C VAL A 404 2.57 15.43 -26.22
N PRO A 405 2.54 16.76 -26.15
CA PRO A 405 1.85 17.37 -25.00
C PRO A 405 0.38 16.97 -24.89
N ALA A 406 -0.01 16.57 -23.68
CA ALA A 406 -1.37 16.23 -23.32
C ALA A 406 -2.22 17.48 -23.26
N GLU A 407 -3.44 17.35 -23.76
CA GLU A 407 -4.36 18.48 -23.91
C GLU A 407 -5.69 18.12 -23.29
N VAL A 408 -6.37 19.14 -22.77
CA VAL A 408 -7.62 18.99 -22.08
C VAL A 408 -8.59 20.08 -22.54
N TRP A 409 -9.86 19.72 -22.71
CA TRP A 409 -10.91 20.73 -22.90
C TRP A 409 -11.39 21.14 -21.53
N THR A 410 -11.21 22.42 -21.22
CA THR A 410 -11.47 22.94 -19.88
C THR A 410 -12.91 23.25 -19.70
N ARG A 411 -13.25 23.52 -18.44
CA ARG A 411 -14.57 24.00 -18.07
C ARG A 411 -15.00 25.26 -18.83
N HIS A 412 -14.04 26.08 -19.25
CA HIS A 412 -14.29 27.31 -20.01
C HIS A 412 -14.27 27.16 -21.53
N GLY A 413 -14.35 25.92 -22.00
CA GLY A 413 -14.40 25.65 -23.43
C GLY A 413 -13.14 25.99 -24.19
N GLU A 414 -11.98 25.87 -23.57
CA GLU A 414 -10.73 26.04 -24.25
C GLU A 414 -9.96 24.75 -24.21
N LYS A 415 -9.17 24.49 -25.25
CA LYS A 415 -8.34 23.32 -25.25
C LYS A 415 -6.94 23.75 -24.86
N ARG A 416 -6.42 23.22 -23.77
CA ARG A 416 -5.16 23.72 -23.19
C ARG A 416 -4.23 22.58 -22.88
N VAL A 417 -2.93 22.87 -22.97
CA VAL A 417 -1.91 21.90 -22.66
C VAL A 417 -1.83 21.73 -21.15
N LEU A 418 -1.77 20.49 -20.73
CA LEU A 418 -1.67 20.15 -19.31
C LEU A 418 -0.25 20.44 -18.82
N LYS A 419 -0.13 21.33 -17.85
CA LYS A 419 1.16 21.87 -17.42
C LYS A 419 1.03 22.38 -15.98
N PRO A 420 0.96 21.44 -15.03
CA PRO A 420 0.60 21.86 -13.66
C PRO A 420 1.70 22.66 -12.95
N ARG A 421 1.28 23.53 -12.04
CA ARG A 421 2.17 24.42 -11.35
C ARG A 421 3.11 23.65 -10.43
N TRP A 422 2.63 22.53 -9.89
CA TRP A 422 3.42 21.57 -9.13
C TRP A 422 3.39 20.25 -9.90
N MET A 423 4.55 19.63 -10.02
CA MET A 423 4.71 18.39 -10.77
C MET A 423 4.82 17.21 -9.80
N ASP A 424 3.83 16.33 -9.86
CA ASP A 424 3.83 15.06 -9.12
C ASP A 424 3.64 13.99 -10.18
N ALA A 425 4.70 13.20 -10.42
CA ALA A 425 4.66 12.20 -11.49
C ALA A 425 3.55 11.17 -11.37
N ARG A 426 3.02 10.99 -10.17
CA ARG A 426 1.92 10.06 -9.95
C ARG A 426 0.64 10.42 -10.68
N VAL A 427 0.46 11.67 -11.08
CA VAL A 427 -0.78 12.00 -11.79
C VAL A 427 -0.72 11.57 -13.25
N CYS A 428 0.45 11.12 -13.72
CA CYS A 428 0.61 10.79 -15.15
C CYS A 428 1.52 9.60 -15.46
N SER A 429 1.77 8.76 -14.47
CA SER A 429 2.74 7.68 -14.61
C SER A 429 2.15 6.42 -15.24
N ASP A 430 0.82 6.33 -15.31
CA ASP A 430 0.13 5.28 -16.06
C ASP A 430 -1.15 5.87 -16.67
N HIS A 431 -1.77 5.13 -17.57
CA HIS A 431 -2.94 5.62 -18.31
C HIS A 431 -4.13 5.97 -17.42
N ALA A 432 -4.42 5.13 -16.42
CA ALA A 432 -5.52 5.39 -15.48
C ALA A 432 -5.31 6.71 -14.71
N ALA A 433 -4.09 6.91 -14.22
CA ALA A 433 -3.76 8.09 -13.45
C ALA A 433 -3.93 9.35 -14.31
N LEU A 434 -3.38 9.34 -15.52
CA LEU A 434 -3.49 10.48 -16.45
C LEU A 434 -4.95 10.78 -16.84
N LYS A 435 -5.73 9.73 -17.12
CA LYS A 435 -7.14 9.91 -17.42
C LYS A 435 -7.86 10.62 -16.29
N SER A 436 -7.60 10.17 -15.05
CA SER A 436 -8.20 10.79 -13.88
C SER A 436 -7.78 12.27 -13.77
N PHE A 437 -6.49 12.54 -13.95
CA PHE A 437 -5.96 13.89 -13.80
C PHE A 437 -6.49 14.81 -14.90
N LYS A 438 -6.65 14.27 -16.12
CA LYS A 438 -7.30 15.06 -17.18
C LYS A 438 -8.74 15.46 -16.85
N GLU A 439 -9.50 14.55 -16.25
CA GLU A 439 -10.86 14.82 -15.83
C GLU A 439 -10.89 15.88 -14.73
N PHE A 440 -9.98 15.77 -13.76
CA PHE A 440 -9.78 16.79 -12.77
C PHE A 440 -9.49 18.15 -13.37
N ALA A 441 -8.52 18.22 -14.27
CA ALA A 441 -8.12 19.47 -14.88
C ALA A 441 -9.25 20.11 -15.70
N ALA A 442 -10.12 19.27 -16.23
CA ALA A 442 -11.31 19.74 -16.99
C ALA A 442 -12.49 20.21 -16.12
N GLY A 443 -12.43 19.93 -14.82
CA GLY A 443 -13.52 20.16 -13.89
C GLY A 443 -14.62 19.10 -13.96
N LYS A 444 -14.32 17.88 -14.42
CA LYS A 444 -15.35 16.86 -14.79
C LYS A 444 -15.16 15.53 -14.09
C ACT C . 14.16 -1.09 5.45
O ACT C . 14.49 -1.14 4.24
OXT ACT C . 14.04 -2.11 6.14
CH3 ACT C . 13.89 0.24 6.08
CAC FLC D . 0.55 -14.39 4.29
CA FLC D . -0.58 -13.92 5.18
CB FLC D . -1.47 -15.05 5.72
CBC FLC D . -0.85 -15.73 6.96
CG FLC D . -2.87 -14.62 6.16
CGC FLC D . -3.74 -15.83 6.48
OA1 FLC D . 0.69 -13.86 3.17
OA2 FLC D . 1.28 -15.30 4.71
OB1 FLC D . -0.44 -14.99 7.88
OB2 FLC D . -0.75 -16.97 6.94
OG1 FLC D . -4.00 -16.08 7.68
OG2 FLC D . -4.12 -16.56 5.52
OHB FLC D . -1.65 -16.04 4.71
#